data_3RP9
#
_entry.id   3RP9
#
_cell.length_a   46.508
_cell.length_b   97.454
_cell.length_c   48.374
_cell.angle_alpha   90.000
_cell.angle_beta   104.920
_cell.angle_gamma   90.000
#
_symmetry.space_group_name_H-M   'P 1 21 1'
#
loop_
_entity.id
_entity.type
_entity.pdbx_description
1 polymer 'Mitogen-activated protein kinase'
2 non-polymer 'SULFATE ION'
3 water water
#
_entity_poly.entity_id   1
_entity_poly.type   'polypeptide(L)'
_entity_poly.pdbx_seq_one_letter_code
;GSSHEAAAAQQHNSGTQHTVSGSQQEGQQRKQHHSSKPTASMPRPHSDWQIPDRYEIRHLIGTGSYGHVCEAYDKLEKRV
VAIKKILRVFEDLIDCKRILREIAILNRLNHDHVVKVLDIVIPKDVEKFDELYVVLEIADSDFKKLFRTPVYLTELHIKT
LLYNLLVGVKYVHSAGILHRDLKPANCLVNQDCSVKVCDFGLARTVDYPENGNSQLPISPREDDMNLVTFPHTKNLKRQL
TGHVVTRWYRAPELILLQENYTEAIDVWSIGCIFAELLNMIKENVAYHADRGPLFPGSSCFPLSPDQKAGNDFKFHTRGN
RDQLNVIFNILGTPSEEDIEALEKEDAKRYIRIFPKREGTDLAERFPASSADAIHLLKRMLVFNPNKRITINECLAHPFF
KEVRIAEVETNATEKVRLPFNDWMNMDEPQLRYAFVKEIQRYHPEIQLPRRSPNRASS
;
_entity_poly.pdbx_strand_id   A
#
loop_
_chem_comp.id
_chem_comp.type
_chem_comp.name
_chem_comp.formula
SO4 non-polymer 'SULFATE ION' 'O4 S -2'
#
# COMPACT_ATOMS: atom_id res chain seq x y z
N PRO A 45 16.23 22.11 -21.33
CA PRO A 45 16.56 22.24 -22.75
C PRO A 45 15.84 21.18 -23.65
N HIS A 46 14.64 21.52 -24.10
CA HIS A 46 13.82 20.66 -24.98
C HIS A 46 13.50 19.31 -24.35
N SER A 47 13.07 19.34 -23.09
CA SER A 47 12.80 18.12 -22.31
C SER A 47 11.69 18.37 -21.28
N ASP A 48 10.95 17.31 -20.92
CA ASP A 48 10.01 17.37 -19.75
C ASP A 48 10.76 17.18 -18.42
N TRP A 49 12.05 16.83 -18.52
CA TRP A 49 12.88 16.49 -17.37
C TRP A 49 13.82 17.62 -16.96
N GLN A 50 13.23 18.66 -16.37
CA GLN A 50 14.01 19.79 -15.88
C GLN A 50 14.78 19.38 -14.64
N ILE A 51 15.75 18.50 -14.86
CA ILE A 51 16.55 17.92 -13.79
C ILE A 51 18.00 18.02 -14.20
N PRO A 52 18.93 17.90 -13.23
CA PRO A 52 20.33 18.05 -13.59
C PRO A 52 20.84 17.10 -14.68
N ASP A 53 21.91 17.54 -15.33
CA ASP A 53 22.68 16.74 -16.31
C ASP A 53 23.05 15.40 -15.72
N ARG A 54 23.45 15.44 -14.45
CA ARG A 54 23.80 14.26 -13.65
C ARG A 54 22.94 13.02 -13.90
N TYR A 55 21.67 13.24 -14.22
CA TYR A 55 20.75 12.16 -14.53
C TYR A 55 20.54 12.14 -16.03
N GLU A 56 20.77 10.99 -16.65
CA GLU A 56 20.51 10.82 -18.08
C GLU A 56 19.23 9.99 -18.27
N ILE A 57 18.16 10.63 -18.72
CA ILE A 57 16.89 9.95 -18.97
C ILE A 57 17.05 8.75 -19.94
N ARG A 58 16.17 7.76 -19.83
CA ARG A 58 16.20 6.55 -20.68
C ARG A 58 14.80 5.99 -21.10
N HIS A 59 14.03 5.41 -20.17
CA HIS A 59 12.81 4.63 -20.50
C HIS A 59 11.46 5.37 -20.22
N LEU A 60 10.46 4.67 -19.65
CA LEU A 60 9.17 5.29 -19.29
C LEU A 60 8.32 4.44 -18.33
N HIS A 68 4.63 9.64 -16.57
CA HIS A 68 5.00 10.24 -15.29
C HIS A 68 6.27 9.63 -14.64
N VAL A 69 6.74 8.48 -15.09
CA VAL A 69 7.95 7.88 -14.52
C VAL A 69 8.93 7.37 -15.58
N CYS A 70 10.22 7.67 -15.39
CA CYS A 70 11.29 7.20 -16.28
C CYS A 70 12.43 6.51 -15.54
N GLU A 71 13.17 5.67 -16.27
CA GLU A 71 14.45 5.11 -15.84
C GLU A 71 15.58 6.08 -16.20
N ALA A 72 16.62 6.15 -15.35
CA ALA A 72 17.75 7.08 -15.55
C ALA A 72 19.06 6.57 -14.90
N TYR A 73 20.19 7.15 -15.29
CA TYR A 73 21.49 6.78 -14.73
C TYR A 73 22.11 7.90 -13.92
N ASP A 74 22.49 7.59 -12.68
CA ASP A 74 23.13 8.54 -11.78
C ASP A 74 24.67 8.43 -11.78
N LYS A 75 25.32 9.39 -12.42
CA LYS A 75 26.75 9.59 -12.24
C LYS A 75 26.94 10.21 -10.86
N LEU A 76 27.29 9.34 -9.89
CA LEU A 76 27.30 9.67 -8.45
C LEU A 76 26.48 8.58 -7.70
N ARG A 79 24.97 4.30 -10.54
CA ARG A 79 23.82 3.46 -10.21
C ARG A 79 22.59 3.88 -11.03
N VAL A 80 21.78 2.89 -11.46
CA VAL A 80 20.51 3.17 -12.12
C VAL A 80 19.46 3.57 -11.07
N VAL A 81 18.45 4.33 -11.50
CA VAL A 81 17.42 4.91 -10.63
C VAL A 81 16.12 5.17 -11.39
N ALA A 82 15.03 5.39 -10.67
CA ALA A 82 13.76 5.76 -11.30
C ALA A 82 13.51 7.21 -10.94
N ILE A 83 12.88 7.96 -11.85
CA ILE A 83 12.56 9.37 -11.61
C ILE A 83 11.09 9.60 -11.93
N LYS A 84 10.33 10.05 -10.94
CA LYS A 84 8.91 10.34 -11.13
C LYS A 84 8.66 11.84 -11.23
N LYS A 85 7.95 12.27 -12.26
CA LYS A 85 7.58 13.66 -12.40
C LYS A 85 6.14 13.81 -12.00
N ILE A 86 5.89 14.66 -11.00
CA ILE A 86 4.55 14.86 -10.49
C ILE A 86 4.02 16.19 -11.00
N LEU A 87 3.09 16.13 -11.96
CA LEU A 87 2.47 17.30 -12.58
C LEU A 87 1.30 17.81 -11.74
N ARG A 88 0.97 19.09 -11.90
N ARG A 88 0.96 19.09 -11.91
CA ARG A 88 -0.20 19.69 -11.28
CA ARG A 88 -0.21 19.69 -11.28
C ARG A 88 -0.23 19.42 -9.78
C ARG A 88 -0.24 19.45 -9.77
N VAL A 89 0.87 19.73 -9.11
CA VAL A 89 1.01 19.47 -7.68
C VAL A 89 -0.06 20.17 -6.83
N PHE A 90 -0.36 21.43 -7.14
CA PHE A 90 -1.21 22.25 -6.25
C PHE A 90 -2.62 22.51 -6.78
N GLU A 91 -3.02 21.84 -7.86
CA GLU A 91 -4.36 22.09 -8.43
C GLU A 91 -5.50 21.66 -7.48
N ASP A 92 -5.37 20.46 -6.89
CA ASP A 92 -6.34 19.95 -5.92
C ASP A 92 -5.60 19.79 -4.60
N LEU A 93 -6.11 20.40 -3.54
CA LEU A 93 -5.40 20.46 -2.25
C LEU A 93 -5.49 19.20 -1.38
N ILE A 94 -6.33 18.25 -1.79
CA ILE A 94 -6.41 16.95 -1.11
C ILE A 94 -5.40 16.01 -1.75
N ASP A 95 -5.35 15.98 -3.08
CA ASP A 95 -4.33 15.20 -3.78
C ASP A 95 -2.93 15.72 -3.44
N CYS A 96 -2.80 17.04 -3.32
CA CYS A 96 -1.54 17.68 -2.98
C CYS A 96 -1.05 17.21 -1.62
N LYS A 97 -1.92 17.34 -0.62
CA LYS A 97 -1.65 16.87 0.73
C LYS A 97 -1.18 15.39 0.73
N ARG A 98 -1.85 14.56 -0.05
CA ARG A 98 -1.51 13.15 -0.13
C ARG A 98 -0.16 12.87 -0.79
N ILE A 99 0.18 13.64 -1.82
CA ILE A 99 1.50 13.56 -2.44
C ILE A 99 2.57 13.93 -1.42
N LEU A 100 2.31 15.00 -0.66
CA LEU A 100 3.15 15.44 0.45
C LEU A 100 3.33 14.38 1.52
N ARG A 101 2.22 13.71 1.88
CA ARG A 101 2.25 12.63 2.87
C ARG A 101 3.12 11.50 2.37
N GLU A 102 2.94 11.16 1.09
N GLU A 102 2.94 11.16 1.10
CA GLU A 102 3.67 10.09 0.42
CA GLU A 102 3.67 10.06 0.49
C GLU A 102 5.18 10.30 0.51
C GLU A 102 5.18 10.29 0.53
N ILE A 103 5.61 11.53 0.26
CA ILE A 103 7.00 11.86 0.22
C ILE A 103 7.56 11.97 1.63
N ALA A 104 6.84 12.67 2.50
CA ALA A 104 7.30 12.85 3.88
C ALA A 104 7.43 11.54 4.67
N ILE A 105 6.52 10.58 4.43
CA ILE A 105 6.64 9.29 5.09
C ILE A 105 7.84 8.49 4.51
N LEU A 106 7.98 8.47 3.18
CA LEU A 106 9.09 7.75 2.57
C LEU A 106 10.41 8.32 3.04
N ASN A 107 10.48 9.64 3.11
CA ASN A 107 11.69 10.33 3.56
C ASN A 107 12.14 9.94 4.95
N ARG A 108 11.19 9.55 5.79
CA ARG A 108 11.47 9.20 7.17
C ARG A 108 11.56 7.70 7.42
N LEU A 109 11.08 6.88 6.52
CA LEU A 109 11.25 5.43 6.67
C LEU A 109 12.63 4.99 6.18
N ASN A 110 13.15 3.92 6.79
CA ASN A 110 14.49 3.43 6.43
C ASN A 110 14.61 1.92 6.62
N HIS A 111 14.37 1.17 5.56
CA HIS A 111 14.37 -0.28 5.64
C HIS A 111 14.47 -0.80 4.20
N ASP A 112 15.13 -1.94 4.04
CA ASP A 112 15.31 -2.65 2.75
C ASP A 112 14.07 -3.02 2.03
N HIS A 113 12.99 -3.15 2.79
CA HIS A 113 11.72 -3.59 2.27
C HIS A 113 10.78 -2.42 2.09
N VAL A 114 11.27 -1.19 2.24
CA VAL A 114 10.48 -0.03 1.88
C VAL A 114 11.27 0.77 0.85
N VAL A 115 10.62 1.24 -0.21
CA VAL A 115 11.32 1.94 -1.29
C VAL A 115 11.93 3.24 -0.77
N LYS A 116 13.08 3.59 -1.29
CA LYS A 116 13.82 4.79 -0.88
C LYS A 116 13.73 5.98 -1.84
N VAL A 117 13.61 7.18 -1.27
CA VAL A 117 13.71 8.41 -1.98
C VAL A 117 15.19 8.71 -1.99
N LEU A 118 15.76 8.89 -3.17
CA LEU A 118 17.18 9.14 -3.31
C LEU A 118 17.46 10.65 -3.41
N ASP A 119 16.44 11.41 -3.81
CA ASP A 119 16.61 12.84 -4.12
C ASP A 119 15.26 13.46 -4.49
N ILE A 120 15.11 14.74 -4.16
CA ILE A 120 14.03 15.55 -4.68
C ILE A 120 14.66 16.79 -5.26
N VAL A 121 14.35 17.10 -6.52
CA VAL A 121 15.09 18.12 -7.24
C VAL A 121 14.62 19.51 -6.89
N ILE A 122 15.58 20.43 -6.79
CA ILE A 122 15.32 21.84 -6.52
C ILE A 122 14.39 22.43 -7.60
N PRO A 123 13.19 22.89 -7.21
CA PRO A 123 12.30 23.61 -8.13
C PRO A 123 12.92 24.88 -8.68
N LYS A 124 12.66 25.15 -9.96
CA LYS A 124 13.16 26.35 -10.62
C LYS A 124 12.82 27.60 -9.79
N ASP A 125 11.57 27.71 -9.37
CA ASP A 125 11.14 28.79 -8.48
C ASP A 125 10.36 28.23 -7.29
N VAL A 126 10.95 28.30 -6.10
CA VAL A 126 10.30 27.79 -4.90
C VAL A 126 8.92 28.40 -4.64
N GLU A 127 8.68 29.63 -5.12
CA GLU A 127 7.40 30.33 -4.90
C GLU A 127 6.29 29.92 -5.88
N LYS A 128 6.66 29.38 -7.04
CA LYS A 128 5.70 29.20 -8.14
C LYS A 128 5.61 27.78 -8.73
N PHE A 129 6.54 26.90 -8.41
CA PHE A 129 6.56 25.57 -9.01
C PHE A 129 5.25 24.84 -8.78
N ASP A 130 4.88 24.03 -9.77
CA ASP A 130 3.64 23.26 -9.80
C ASP A 130 3.96 21.83 -10.26
N GLU A 131 5.24 21.48 -10.21
CA GLU A 131 5.75 20.20 -10.67
C GLU A 131 6.80 19.74 -9.66
N LEU A 132 7.04 18.44 -9.57
CA LEU A 132 8.14 17.91 -8.74
C LEU A 132 8.80 16.72 -9.35
N TYR A 133 10.09 16.57 -9.09
CA TYR A 133 10.84 15.42 -9.58
C TYR A 133 11.37 14.67 -8.38
N VAL A 134 10.88 13.45 -8.20
CA VAL A 134 11.31 12.61 -7.10
C VAL A 134 12.13 11.45 -7.65
N VAL A 135 13.36 11.33 -7.17
CA VAL A 135 14.27 10.28 -7.62
C VAL A 135 14.22 9.11 -6.65
N LEU A 136 13.98 7.91 -7.19
CA LEU A 136 13.62 6.74 -6.42
C LEU A 136 14.48 5.52 -6.72
N GLU A 137 14.57 4.64 -5.73
CA GLU A 137 15.18 3.34 -5.89
C GLU A 137 14.29 2.62 -6.93
N ILE A 138 14.94 2.04 -7.92
CA ILE A 138 14.21 1.43 -9.00
C ILE A 138 14.04 -0.04 -8.67
N ALA A 139 12.94 -0.62 -9.13
CA ALA A 139 12.73 -2.04 -9.00
C ALA A 139 12.34 -2.58 -10.36
N ASP A 140 12.58 -3.88 -10.56
CA ASP A 140 12.36 -4.52 -11.83
C ASP A 140 10.91 -4.48 -12.26
N SER A 141 10.00 -4.53 -11.29
CA SER A 141 8.60 -4.61 -11.62
C SER A 141 7.74 -4.36 -10.38
N ASP A 142 6.47 -4.71 -10.48
CA ASP A 142 5.61 -4.77 -9.34
C ASP A 142 4.62 -5.93 -9.49
N PHE A 143 3.94 -6.26 -8.40
CA PHE A 143 3.02 -7.39 -8.39
C PHE A 143 1.97 -7.28 -9.47
N LYS A 144 1.40 -6.10 -9.64
CA LYS A 144 0.34 -5.93 -10.62
C LYS A 144 0.79 -6.36 -12.02
N LYS A 145 1.95 -5.83 -12.45
CA LYS A 145 2.53 -6.18 -13.75
C LYS A 145 2.96 -7.65 -13.80
N LEU A 146 3.44 -8.16 -12.67
CA LEU A 146 3.84 -9.55 -12.59
C LEU A 146 2.66 -10.45 -12.88
N PHE A 147 1.52 -10.11 -12.29
CA PHE A 147 0.30 -10.90 -12.48
C PHE A 147 -0.17 -10.89 -13.93
N ARG A 148 -0.04 -9.76 -14.61
N ARG A 148 -0.04 -9.76 -14.62
CA ARG A 148 -0.39 -9.63 -16.02
CA ARG A 148 -0.42 -9.68 -16.03
C ARG A 148 0.55 -10.42 -16.93
C ARG A 148 0.55 -10.43 -16.95
N THR A 149 1.68 -10.86 -16.40
CA THR A 149 2.73 -11.49 -17.20
C THR A 149 2.44 -12.94 -17.53
N PRO A 150 2.82 -13.40 -18.74
CA PRO A 150 2.49 -14.75 -19.15
C PRO A 150 3.35 -15.84 -18.53
N VAL A 151 3.80 -15.63 -17.29
CA VAL A 151 4.57 -16.64 -16.58
C VAL A 151 3.79 -17.26 -15.43
N TYR A 152 4.33 -18.36 -14.94
CA TYR A 152 3.79 -19.07 -13.79
C TYR A 152 4.84 -19.15 -12.70
N LEU A 153 4.39 -19.05 -11.44
CA LEU A 153 5.27 -19.15 -10.26
C LEU A 153 5.10 -20.48 -9.51
N THR A 154 6.09 -20.83 -8.70
CA THR A 154 6.02 -21.97 -7.77
C THR A 154 5.44 -21.51 -6.45
N GLU A 155 5.16 -22.47 -5.57
CA GLU A 155 4.76 -22.15 -4.21
C GLU A 155 5.91 -21.56 -3.39
N LEU A 156 7.15 -21.82 -3.82
CA LEU A 156 8.30 -21.22 -3.18
C LEU A 156 8.41 -19.75 -3.47
N HIS A 157 8.24 -19.37 -4.75
CA HIS A 157 8.24 -17.95 -5.15
C HIS A 157 7.21 -17.19 -4.35
N ILE A 158 5.97 -17.63 -4.46
CA ILE A 158 4.82 -17.06 -3.79
C ILE A 158 5.08 -16.85 -2.31
N LYS A 159 5.57 -17.91 -1.69
CA LYS A 159 5.93 -17.90 -0.28
C LYS A 159 6.98 -16.83 0.01
N THR A 160 7.97 -16.74 -0.87
CA THR A 160 9.03 -15.75 -0.71
C THR A 160 8.51 -14.31 -0.90
N LEU A 161 7.62 -14.11 -1.85
CA LEU A 161 7.11 -12.78 -2.12
C LEU A 161 6.17 -12.41 -0.98
N LEU A 162 5.37 -13.37 -0.54
CA LEU A 162 4.44 -13.07 0.54
C LEU A 162 5.19 -12.74 1.83
N TYR A 163 6.32 -13.40 2.03
CA TYR A 163 7.11 -13.19 3.23
C TYR A 163 7.82 -11.84 3.20
N ASN A 164 8.35 -11.45 2.07
CA ASN A 164 9.06 -10.18 2.02
C ASN A 164 8.12 -8.96 2.15
N LEU A 165 6.91 -9.09 1.60
CA LEU A 165 5.85 -8.11 1.81
C LEU A 165 5.54 -7.91 3.30
N LEU A 166 5.27 -9.04 3.97
CA LEU A 166 4.93 -9.04 5.39
C LEU A 166 6.05 -8.41 6.23
N VAL A 167 7.29 -8.72 5.91
CA VAL A 167 8.42 -8.20 6.64
C VAL A 167 8.45 -6.68 6.55
N GLY A 168 8.12 -6.15 5.37
CA GLY A 168 8.18 -4.71 5.12
C GLY A 168 7.02 -4.03 5.80
N VAL A 169 5.86 -4.68 5.80
CA VAL A 169 4.70 -4.16 6.50
C VAL A 169 4.86 -4.22 8.03
N LYS A 170 5.61 -5.18 8.52
CA LYS A 170 5.94 -5.21 9.95
C LYS A 170 6.73 -3.97 10.37
N TYR A 171 7.80 -3.68 9.64
CA TYR A 171 8.56 -2.46 9.85
C TYR A 171 7.63 -1.23 9.85
N VAL A 172 6.82 -1.12 8.82
CA VAL A 172 5.91 0.02 8.70
C VAL A 172 5.00 0.17 9.93
N HIS A 173 4.33 -0.91 10.32
CA HIS A 173 3.53 -0.91 11.54
C HIS A 173 4.37 -0.51 12.77
N SER A 174 5.62 -1.00 12.86
CA SER A 174 6.49 -0.66 13.98
C SER A 174 6.83 0.82 14.05
N ALA A 175 6.74 1.49 12.89
CA ALA A 175 6.91 2.95 12.81
C ALA A 175 5.58 3.68 13.05
N GLY A 176 4.58 2.91 13.44
CA GLY A 176 3.29 3.43 13.86
C GLY A 176 2.41 3.82 12.71
N ILE A 177 2.70 3.30 11.52
CA ILE A 177 1.93 3.63 10.31
C ILE A 177 1.08 2.44 9.90
N LEU A 178 -0.19 2.69 9.61
CA LEU A 178 -0.98 1.81 8.73
C LEU A 178 -0.88 2.32 7.30
N HIS A 179 -0.52 1.45 6.37
CA HIS A 179 -0.44 1.81 4.97
C HIS A 179 -1.82 2.21 4.43
N ARG A 180 -2.79 1.37 4.73
CA ARG A 180 -4.19 1.64 4.47
C ARG A 180 -4.59 1.48 3.01
N ASP A 181 -3.64 1.21 2.13
CA ASP A 181 -3.95 1.12 0.71
C ASP A 181 -3.04 0.13 -0.03
N LEU A 182 -2.81 -1.03 0.55
CA LEU A 182 -1.89 -1.97 -0.06
C LEU A 182 -2.54 -2.59 -1.29
N LYS A 183 -1.76 -2.67 -2.36
CA LYS A 183 -2.24 -3.30 -3.56
C LYS A 183 -1.12 -3.71 -4.47
N PRO A 184 -1.41 -4.64 -5.40
CA PRO A 184 -0.36 -5.16 -6.27
C PRO A 184 0.52 -4.07 -6.90
N ALA A 185 -0.06 -2.97 -7.35
CA ALA A 185 0.75 -1.89 -7.97
C ALA A 185 1.75 -1.27 -7.00
N ASN A 186 1.54 -1.35 -5.70
CA ASN A 186 2.51 -0.71 -4.82
C ASN A 186 3.37 -1.73 -4.03
N CYS A 187 3.26 -2.99 -4.40
CA CYS A 187 4.26 -4.01 -4.05
C CYS A 187 5.30 -4.13 -5.14
N LEU A 188 6.39 -3.38 -5.02
CA LEU A 188 7.49 -3.44 -5.97
C LEU A 188 8.29 -4.72 -5.77
N VAL A 189 8.84 -5.24 -6.85
CA VAL A 189 9.42 -6.56 -6.81
C VAL A 189 10.57 -6.63 -7.78
N ASN A 190 11.61 -7.32 -7.35
CA ASN A 190 12.78 -7.57 -8.16
C ASN A 190 12.89 -9.03 -8.49
N GLN A 191 13.74 -9.31 -9.47
CA GLN A 191 13.96 -10.65 -9.98
C GLN A 191 14.35 -11.62 -8.86
N ASP A 192 15.10 -11.13 -7.86
CA ASP A 192 15.50 -11.98 -6.73
C ASP A 192 14.39 -12.16 -5.67
N CYS A 193 13.16 -11.76 -6.02
CA CYS A 193 11.99 -11.88 -5.16
C CYS A 193 12.03 -10.97 -3.94
N SER A 194 12.93 -9.99 -3.91
CA SER A 194 12.87 -8.99 -2.84
C SER A 194 11.70 -8.05 -3.15
N VAL A 195 11.04 -7.55 -2.11
CA VAL A 195 9.83 -6.78 -2.25
C VAL A 195 10.00 -5.44 -1.54
N LYS A 196 9.49 -4.37 -2.13
CA LYS A 196 9.52 -3.05 -1.49
C LYS A 196 8.16 -2.39 -1.57
N VAL A 197 7.64 -1.97 -0.41
N VAL A 197 7.64 -1.98 -0.42
CA VAL A 197 6.39 -1.25 -0.34
CA VAL A 197 6.38 -1.25 -0.35
C VAL A 197 6.61 0.22 -0.70
C VAL A 197 6.60 0.22 -0.69
N CYS A 198 5.64 0.82 -1.36
CA CYS A 198 5.66 2.27 -1.66
C CYS A 198 4.24 2.80 -1.61
N ASP A 199 4.09 4.07 -1.99
N ASP A 199 4.09 4.07 -1.99
CA ASP A 199 2.79 4.73 -2.12
CA ASP A 199 2.79 4.74 -2.12
C ASP A 199 2.05 4.83 -0.80
C ASP A 199 2.05 4.83 -0.79
N PHE A 200 2.60 5.67 0.08
CA PHE A 200 2.06 5.94 1.39
C PHE A 200 1.13 7.16 1.44
N GLY A 201 0.52 7.53 0.32
CA GLY A 201 -0.30 8.76 0.23
C GLY A 201 -1.59 8.74 1.05
N LEU A 202 -2.03 7.56 1.45
CA LEU A 202 -3.27 7.40 2.23
C LEU A 202 -2.96 6.84 3.62
N ALA A 203 -1.67 6.67 3.89
CA ALA A 203 -1.22 6.02 5.13
C ALA A 203 -1.64 6.85 6.36
N ARG A 204 -1.70 6.19 7.51
CA ARG A 204 -2.09 6.84 8.76
C ARG A 204 -0.94 6.77 9.78
N THR A 205 -0.35 7.92 10.11
CA THR A 205 0.71 7.92 11.11
C THR A 205 0.09 7.81 12.52
N VAL A 206 0.94 7.76 13.53
CA VAL A 206 0.48 7.60 14.90
C VAL A 206 -0.37 8.79 15.35
N ASP A 207 -0.21 9.93 14.68
CA ASP A 207 -0.88 11.18 15.06
C ASP A 207 -2.24 11.36 14.44
N TYR A 208 -2.62 10.50 13.50
CA TYR A 208 -3.92 10.61 12.85
C TYR A 208 -5.00 10.26 13.87
N PRO A 209 -6.05 11.08 13.98
CA PRO A 209 -7.11 10.76 14.92
C PRO A 209 -7.72 9.41 14.62
N GLU A 210 -8.05 8.68 15.67
N GLU A 210 -7.94 8.62 15.66
CA GLU A 210 -8.61 7.34 15.55
CA GLU A 210 -8.33 7.21 15.50
C GLU A 210 -10.09 7.35 15.13
C GLU A 210 -9.75 7.05 14.94
N ASN A 211 -10.82 8.43 15.43
N ASN A 211 -10.63 8.00 15.28
CA ASN A 211 -12.20 8.53 14.97
CA ASN A 211 -12.02 7.99 14.79
C ASN A 211 -12.27 8.94 13.51
C ASN A 211 -12.23 8.80 13.50
N GLY A 212 -11.12 9.20 12.87
CA GLY A 212 -11.09 9.86 11.58
C GLY A 212 -11.16 11.36 11.75
N ASN A 213 -10.84 12.11 10.70
CA ASN A 213 -10.88 13.59 10.79
C ASN A 213 -12.29 14.14 10.82
N SER A 214 -13.22 13.46 10.14
CA SER A 214 -14.60 13.91 10.02
C SER A 214 -14.61 15.19 9.18
N GLN A 215 -14.68 15.01 7.86
CA GLN A 215 -14.77 16.11 6.89
C GLN A 215 -16.15 16.07 6.24
N LEU A 216 -16.71 17.22 5.93
CA LEU A 216 -18.06 17.25 5.33
C LEU A 216 -17.98 16.94 3.83
N PRO A 217 -18.92 16.13 3.35
CA PRO A 217 -18.95 15.75 1.94
C PRO A 217 -19.61 16.86 1.12
N VAL A 245 -9.44 4.97 -8.82
CA VAL A 245 -9.51 4.59 -7.41
C VAL A 245 -10.14 3.20 -7.26
N THR A 246 -9.34 2.20 -6.87
CA THR A 246 -9.78 0.80 -6.79
C THR A 246 -9.96 0.36 -5.33
N ARG A 247 -11.05 -0.36 -5.07
CA ARG A 247 -11.46 -0.69 -3.71
C ARG A 247 -11.34 -2.18 -3.42
N TRP A 248 -10.75 -2.92 -4.34
CA TRP A 248 -10.74 -4.38 -4.29
C TRP A 248 -9.97 -4.95 -3.11
N TYR A 249 -9.11 -4.15 -2.49
CA TYR A 249 -8.19 -4.63 -1.45
C TYR A 249 -8.52 -4.08 -0.06
N ARG A 250 -9.67 -3.38 0.00
CA ARG A 250 -10.09 -2.72 1.23
C ARG A 250 -10.83 -3.65 2.19
N ALA A 251 -10.37 -3.68 3.43
CA ALA A 251 -11.03 -4.42 4.48
C ALA A 251 -12.48 -3.97 4.64
N PRO A 252 -13.35 -4.87 5.11
CA PRO A 252 -14.75 -4.49 5.31
C PRO A 252 -14.89 -3.26 6.22
N GLU A 253 -14.13 -3.19 7.31
CA GLU A 253 -14.26 -2.03 8.21
C GLU A 253 -13.88 -0.73 7.49
N LEU A 254 -12.97 -0.80 6.52
CA LEU A 254 -12.54 0.39 5.82
C LEU A 254 -13.55 0.82 4.78
N ILE A 255 -14.04 -0.16 4.03
CA ILE A 255 -15.17 0.03 3.13
C ILE A 255 -16.33 0.68 3.88
N LEU A 256 -16.56 0.23 5.11
CA LEU A 256 -17.68 0.71 5.94
C LEU A 256 -17.32 1.99 6.68
N LEU A 257 -16.09 2.48 6.48
CA LEU A 257 -15.65 3.74 7.05
C LEU A 257 -15.91 3.79 8.57
N GLN A 258 -15.65 2.66 9.23
CA GLN A 258 -15.78 2.53 10.69
C GLN A 258 -14.69 3.27 11.47
N GLU A 259 -13.53 3.45 10.86
CA GLU A 259 -12.40 4.07 11.55
C GLU A 259 -11.95 3.20 12.72
N ASN A 260 -11.23 3.74 13.69
CA ASN A 260 -10.61 2.90 14.75
C ASN A 260 -9.91 1.67 14.14
N TYR A 261 -9.17 1.95 13.06
CA TYR A 261 -8.47 0.93 12.31
C TYR A 261 -7.26 0.37 13.03
N THR A 262 -6.99 -0.93 12.84
CA THR A 262 -5.78 -1.55 13.32
C THR A 262 -4.95 -2.10 12.19
N GLU A 263 -3.82 -2.68 12.56
CA GLU A 263 -3.02 -3.53 11.68
C GLU A 263 -3.90 -4.45 10.83
N ALA A 264 -5.05 -4.83 11.37
CA ALA A 264 -5.93 -5.72 10.66
C ALA A 264 -6.26 -5.25 9.23
N ILE A 265 -6.34 -3.96 8.98
CA ILE A 265 -6.73 -3.52 7.63
C ILE A 265 -5.71 -3.88 6.58
N ASP A 266 -4.45 -3.81 6.96
CA ASP A 266 -3.36 -4.13 6.03
C ASP A 266 -3.27 -5.64 5.86
N VAL A 267 -3.58 -6.39 6.92
CA VAL A 267 -3.58 -7.84 6.83
C VAL A 267 -4.60 -8.32 5.81
N TRP A 268 -5.77 -7.68 5.81
CA TRP A 268 -6.80 -8.00 4.84
C TRP A 268 -6.28 -7.80 3.45
N SER A 269 -5.73 -6.60 3.21
CA SER A 269 -5.20 -6.25 1.90
C SER A 269 -4.15 -7.24 1.45
N ILE A 270 -3.28 -7.65 2.38
CA ILE A 270 -2.26 -8.64 2.04
C ILE A 270 -2.90 -9.98 1.69
N GLY A 271 -4.00 -10.30 2.35
CA GLY A 271 -4.74 -11.52 2.06
C GLY A 271 -5.27 -11.49 0.63
N CYS A 272 -5.80 -10.34 0.22
CA CYS A 272 -6.25 -10.15 -1.16
C CYS A 272 -5.12 -10.31 -2.18
N ILE A 273 -3.97 -9.73 -1.91
CA ILE A 273 -2.78 -9.93 -2.73
C ILE A 273 -2.35 -11.40 -2.74
N PHE A 274 -2.46 -12.06 -1.60
CA PHE A 274 -2.13 -13.48 -1.49
C PHE A 274 -2.97 -14.30 -2.49
N ALA A 275 -4.26 -13.99 -2.59
CA ALA A 275 -5.13 -14.68 -3.54
C ALA A 275 -4.66 -14.52 -4.97
N GLU A 276 -4.09 -13.38 -5.31
CA GLU A 276 -3.62 -13.20 -6.68
C GLU A 276 -2.30 -13.95 -6.84
N LEU A 277 -1.43 -13.90 -5.83
CA LEU A 277 -0.19 -14.71 -5.86
C LEU A 277 -0.51 -16.19 -6.11
N LEU A 278 -1.53 -16.71 -5.42
CA LEU A 278 -1.87 -18.12 -5.55
C LEU A 278 -2.41 -18.44 -6.95
N ASN A 279 -3.02 -17.44 -7.59
CA ASN A 279 -3.50 -17.60 -8.95
C ASN A 279 -2.37 -17.64 -9.96
N MET A 280 -1.12 -17.46 -9.53
CA MET A 280 0.03 -17.57 -10.44
C MET A 280 0.48 -19.02 -10.67
N ILE A 281 -0.19 -19.97 -10.03
CA ILE A 281 0.09 -21.39 -10.20
C ILE A 281 -0.75 -21.94 -11.34
N LYS A 282 -0.10 -22.64 -12.27
CA LYS A 282 -0.75 -23.18 -13.46
C LYS A 282 -2.03 -23.93 -13.12
N GLU A 283 -1.98 -24.76 -12.08
CA GLU A 283 -3.10 -25.64 -11.73
C GLU A 283 -4.29 -24.93 -11.07
N ASN A 284 -4.14 -23.66 -10.69
CA ASN A 284 -5.25 -22.86 -10.16
C ASN A 284 -5.91 -22.01 -11.22
N VAL A 285 -5.09 -21.43 -12.11
CA VAL A 285 -5.60 -20.67 -13.27
C VAL A 285 -4.76 -21.04 -14.49
N ALA A 286 -5.45 -21.52 -15.53
CA ALA A 286 -4.81 -22.06 -16.74
C ALA A 286 -4.13 -21.00 -17.62
N TYR A 287 -4.88 -19.96 -17.98
CA TYR A 287 -4.33 -18.90 -18.85
C TYR A 287 -4.24 -17.60 -18.08
N HIS A 288 -3.12 -16.92 -18.26
CA HIS A 288 -2.82 -15.69 -17.53
C HIS A 288 -3.88 -14.59 -17.68
N ALA A 289 -4.56 -14.50 -18.82
CA ALA A 289 -5.59 -13.48 -19.01
C ALA A 289 -6.83 -13.70 -18.13
N ASP A 290 -7.03 -14.93 -17.65
CA ASP A 290 -8.13 -15.23 -16.72
C ASP A 290 -7.86 -14.81 -15.26
N ARG A 291 -6.62 -14.45 -14.93
CA ARG A 291 -6.30 -14.09 -13.55
C ARG A 291 -6.97 -12.77 -13.19
N GLY A 292 -7.47 -12.68 -11.98
CA GLY A 292 -8.03 -11.42 -11.50
C GLY A 292 -8.07 -11.35 -9.98
N PRO A 293 -8.56 -10.22 -9.46
CA PRO A 293 -8.63 -10.02 -8.05
C PRO A 293 -9.71 -10.88 -7.45
N LEU A 294 -9.53 -11.32 -6.22
CA LEU A 294 -10.49 -12.19 -5.56
C LEU A 294 -11.84 -11.53 -5.34
N PHE A 295 -11.86 -10.26 -4.95
CA PHE A 295 -13.10 -9.52 -4.63
C PHE A 295 -13.30 -8.33 -5.58
N PRO A 296 -13.75 -8.57 -6.80
CA PRO A 296 -13.91 -7.40 -7.69
C PRO A 296 -15.18 -6.57 -7.40
N THR A 317 -21.13 4.63 -2.37
CA THR A 317 -22.41 4.04 -1.97
C THR A 317 -22.72 2.78 -2.80
N ARG A 318 -22.87 2.92 -4.12
CA ARG A 318 -23.11 1.79 -5.04
C ARG A 318 -21.88 0.89 -5.15
N GLY A 319 -20.71 1.50 -5.30
CA GLY A 319 -19.44 0.78 -5.40
C GLY A 319 -19.12 0.04 -4.13
N ASN A 320 -19.39 0.68 -2.99
CA ASN A 320 -19.18 0.05 -1.68
C ASN A 320 -20.10 -1.14 -1.41
N ARG A 321 -21.35 -1.02 -1.83
CA ARG A 321 -22.30 -2.10 -1.65
C ARG A 321 -21.93 -3.35 -2.46
N ASP A 322 -21.56 -3.19 -3.74
CA ASP A 322 -21.18 -4.37 -4.54
C ASP A 322 -19.88 -4.98 -4.02
N GLN A 323 -19.02 -4.15 -3.46
CA GLN A 323 -17.76 -4.62 -2.90
C GLN A 323 -18.06 -5.47 -1.67
N LEU A 324 -18.85 -4.95 -0.73
CA LEU A 324 -19.31 -5.77 0.40
C LEU A 324 -20.07 -7.02 -0.07
N ASN A 325 -20.91 -6.87 -1.09
CA ASN A 325 -21.71 -7.98 -1.61
C ASN A 325 -20.83 -9.08 -2.17
N VAL A 326 -19.85 -8.70 -2.98
CA VAL A 326 -18.94 -9.68 -3.53
C VAL A 326 -18.15 -10.37 -2.39
N ILE A 327 -17.67 -9.63 -1.39
CA ILE A 327 -17.01 -10.23 -0.24
C ILE A 327 -17.94 -11.26 0.43
N PHE A 328 -19.23 -10.93 0.56
CA PHE A 328 -20.19 -11.82 1.22
C PHE A 328 -20.52 -13.05 0.38
N ASN A 329 -20.62 -12.88 -0.93
CA ASN A 329 -20.85 -14.03 -1.79
C ASN A 329 -19.82 -15.16 -1.67
N ILE A 330 -18.57 -14.79 -1.34
CA ILE A 330 -17.44 -15.75 -1.24
C ILE A 330 -17.17 -16.25 0.18
N LEU A 331 -17.18 -15.34 1.15
CA LEU A 331 -16.89 -15.70 2.56
C LEU A 331 -18.14 -15.89 3.42
N GLY A 332 -19.28 -15.45 2.88
CA GLY A 332 -20.56 -15.53 3.57
C GLY A 332 -20.82 -14.21 4.27
N THR A 333 -22.05 -14.04 4.77
CA THR A 333 -22.36 -12.88 5.61
C THR A 333 -21.80 -13.14 7.03
N PRO A 334 -21.56 -12.09 7.81
CA PRO A 334 -20.96 -12.30 9.13
C PRO A 334 -21.95 -12.73 10.21
N SER A 335 -21.39 -13.22 11.32
CA SER A 335 -22.14 -13.62 12.53
C SER A 335 -22.88 -12.43 13.05
N GLU A 336 -23.95 -12.68 13.81
CA GLU A 336 -24.58 -11.62 14.57
C GLU A 336 -23.53 -11.06 15.53
N GLU A 337 -22.76 -11.98 16.11
CA GLU A 337 -21.66 -11.63 17.00
C GLU A 337 -20.68 -10.65 16.32
N ASP A 338 -20.30 -10.95 15.08
CA ASP A 338 -19.31 -10.18 14.34
C ASP A 338 -19.88 -8.86 13.81
N ILE A 339 -21.17 -8.85 13.52
CA ILE A 339 -21.87 -7.62 13.18
C ILE A 339 -21.84 -6.70 14.38
N GLU A 340 -22.02 -7.30 15.57
CA GLU A 340 -22.07 -6.57 16.83
C GLU A 340 -20.75 -5.88 17.19
N ALA A 341 -19.64 -6.42 16.71
CA ALA A 341 -18.31 -5.87 16.98
C ALA A 341 -17.93 -4.70 16.06
N LEU A 342 -18.82 -4.36 15.11
CA LEU A 342 -18.70 -3.11 14.36
C LEU A 342 -18.83 -1.94 15.32
N GLU A 343 -18.06 -0.87 15.04
CA GLU A 343 -18.00 0.30 15.93
C GLU A 343 -19.33 1.09 15.99
N LYS A 344 -20.02 1.19 14.85
CA LYS A 344 -21.11 2.15 14.69
C LYS A 344 -22.45 1.43 14.47
N GLU A 345 -23.47 1.88 15.21
CA GLU A 345 -24.81 1.29 15.14
C GLU A 345 -25.41 1.32 13.73
N ASP A 346 -25.27 2.44 13.04
CA ASP A 346 -25.77 2.55 11.67
C ASP A 346 -25.22 1.50 10.71
N ALA A 347 -23.94 1.16 10.84
CA ALA A 347 -23.31 0.11 10.03
C ALA A 347 -23.92 -1.25 10.33
N LYS A 348 -24.28 -1.47 11.59
CA LYS A 348 -24.90 -2.74 11.98
C LYS A 348 -26.22 -2.97 11.26
N ARG A 349 -27.09 -1.95 11.24
CA ARG A 349 -28.41 -2.10 10.59
C ARG A 349 -28.21 -2.35 9.10
N TYR A 350 -27.21 -1.68 8.54
CA TYR A 350 -26.87 -1.80 7.12
C TYR A 350 -26.35 -3.18 6.75
N ILE A 351 -25.46 -3.74 7.55
CA ILE A 351 -24.94 -5.08 7.26
C ILE A 351 -26.00 -6.14 7.48
N ARG A 352 -26.95 -5.89 8.38
CA ARG A 352 -28.06 -6.81 8.59
C ARG A 352 -29.12 -6.80 7.47
N ILE A 353 -29.02 -5.85 6.53
CA ILE A 353 -29.95 -5.79 5.39
C ILE A 353 -29.56 -6.76 4.28
N PHE A 354 -28.27 -7.05 4.17
CA PHE A 354 -27.73 -7.97 3.15
C PHE A 354 -28.23 -9.37 3.44
N PRO A 355 -28.87 -10.04 2.48
CA PRO A 355 -29.45 -11.37 2.77
C PRO A 355 -28.43 -12.39 3.30
N LYS A 356 -28.77 -13.06 4.41
CA LYS A 356 -27.87 -14.05 5.04
C LYS A 356 -27.43 -15.10 4.02
N ARG A 357 -26.14 -15.41 3.99
CA ARG A 357 -25.64 -16.40 3.03
C ARG A 357 -24.39 -17.12 3.51
N GLU A 358 -24.28 -18.37 3.08
CA GLU A 358 -23.15 -19.21 3.40
C GLU A 358 -21.99 -18.85 2.50
N GLY A 359 -20.79 -19.16 2.96
CA GLY A 359 -19.58 -18.91 2.19
C GLY A 359 -19.17 -20.14 1.41
N THR A 360 -18.42 -19.93 0.35
CA THR A 360 -17.76 -21.03 -0.33
C THR A 360 -16.49 -21.37 0.42
N ASP A 361 -16.00 -22.58 0.18
CA ASP A 361 -14.73 -23.04 0.71
C ASP A 361 -13.61 -22.57 -0.22
N LEU A 362 -12.73 -21.70 0.29
CA LEU A 362 -11.62 -21.16 -0.48
C LEU A 362 -10.59 -22.20 -0.95
N ALA A 363 -10.48 -23.31 -0.24
CA ALA A 363 -9.63 -24.41 -0.68
C ALA A 363 -10.00 -24.87 -2.09
N GLU A 364 -11.30 -24.87 -2.43
CA GLU A 364 -11.78 -25.36 -3.74
C GLU A 364 -11.55 -24.33 -4.85
N ARG A 365 -11.17 -23.12 -4.45
CA ARG A 365 -10.78 -22.09 -5.38
C ARG A 365 -9.29 -22.17 -5.75
N PHE A 366 -8.48 -22.78 -4.89
CA PHE A 366 -7.04 -22.94 -5.14
C PHE A 366 -6.59 -24.39 -4.90
N PRO A 367 -7.07 -25.33 -5.71
CA PRO A 367 -6.91 -26.75 -5.39
C PRO A 367 -5.47 -27.29 -5.53
N ALA A 368 -4.57 -26.49 -6.12
CA ALA A 368 -3.17 -26.88 -6.28
C ALA A 368 -2.31 -26.42 -5.12
N SER A 369 -2.84 -25.53 -4.29
CA SER A 369 -2.04 -24.92 -3.24
C SER A 369 -2.09 -25.77 -2.00
N SER A 370 -1.04 -25.70 -1.19
CA SER A 370 -0.92 -26.53 -0.01
C SER A 370 -1.88 -26.07 1.05
N ALA A 371 -2.14 -26.96 2.01
CA ALA A 371 -3.05 -26.67 3.14
C ALA A 371 -2.58 -25.50 4.01
N ASP A 372 -1.26 -25.39 4.17
CA ASP A 372 -0.69 -24.27 4.92
C ASP A 372 -1.07 -22.95 4.28
N ALA A 373 -0.92 -22.86 2.95
CA ALA A 373 -1.20 -21.64 2.20
C ALA A 373 -2.67 -21.23 2.36
N ILE A 374 -3.58 -22.17 2.17
CA ILE A 374 -5.01 -21.92 2.33
C ILE A 374 -5.37 -21.57 3.78
N HIS A 375 -4.80 -22.28 4.74
CA HIS A 375 -5.14 -22.03 6.13
C HIS A 375 -4.81 -20.58 6.45
N LEU A 376 -3.61 -20.16 6.04
CA LEU A 376 -3.18 -18.78 6.20
C LEU A 376 -4.10 -17.76 5.52
N LEU A 377 -4.47 -18.04 4.30
CA LEU A 377 -5.31 -17.11 3.55
C LEU A 377 -6.65 -16.96 4.27
N LYS A 378 -7.22 -18.08 4.69
CA LYS A 378 -8.49 -18.05 5.40
C LYS A 378 -8.39 -17.21 6.66
N ARG A 379 -7.23 -17.26 7.32
CA ARG A 379 -7.03 -16.49 8.53
C ARG A 379 -6.77 -14.99 8.31
N MET A 380 -6.22 -14.63 7.16
CA MET A 380 -6.12 -13.24 6.80
C MET A 380 -7.47 -12.63 6.35
N LEU A 381 -8.32 -13.40 5.69
CA LEU A 381 -9.58 -12.89 5.17
C LEU A 381 -10.76 -13.18 6.10
N VAL A 382 -10.75 -12.57 7.29
CA VAL A 382 -11.87 -12.71 8.19
C VAL A 382 -12.48 -11.34 8.48
N PHE A 383 -13.79 -11.32 8.63
CA PHE A 383 -14.55 -10.09 8.67
C PHE A 383 -14.27 -9.25 9.92
N ASN A 384 -14.27 -9.90 11.08
CA ASN A 384 -13.99 -9.22 12.36
C ASN A 384 -12.48 -8.94 12.48
N PRO A 385 -12.09 -7.67 12.45
CA PRO A 385 -10.65 -7.37 12.55
C PRO A 385 -10.04 -7.87 13.86
N ASN A 386 -10.85 -8.02 14.92
CA ASN A 386 -10.39 -8.64 16.16
C ASN A 386 -9.96 -10.13 16.03
N LYS A 387 -10.63 -10.89 15.17
CA LYS A 387 -10.30 -12.29 14.93
C LYS A 387 -9.32 -12.53 13.77
N ARG A 388 -8.97 -11.47 13.05
CA ARG A 388 -8.09 -11.58 11.89
C ARG A 388 -6.66 -11.79 12.37
N ILE A 389 -5.93 -12.63 11.65
CA ILE A 389 -4.56 -12.94 12.00
C ILE A 389 -3.70 -11.66 11.96
N THR A 390 -2.85 -11.50 12.98
CA THR A 390 -1.95 -10.36 13.05
C THR A 390 -0.74 -10.57 12.16
N ILE A 391 0.03 -9.51 11.92
CA ILE A 391 1.23 -9.63 11.09
C ILE A 391 2.27 -10.59 11.68
N ASN A 392 2.49 -10.47 12.98
CA ASN A 392 3.48 -11.29 13.66
C ASN A 392 3.10 -12.78 13.63
N GLU A 393 1.82 -13.10 13.83
CA GLU A 393 1.35 -14.49 13.66
C GLU A 393 1.56 -14.94 12.24
N CYS A 394 1.40 -14.03 11.27
CA CYS A 394 1.63 -14.38 9.87
C CYS A 394 3.08 -14.83 9.69
N LEU A 395 4.02 -14.01 10.14
CA LEU A 395 5.44 -14.32 9.96
C LEU A 395 5.82 -15.65 10.62
N ALA A 396 5.11 -16.02 11.69
CA ALA A 396 5.39 -17.25 12.43
C ALA A 396 4.66 -18.47 11.86
N HIS A 397 3.78 -18.26 10.88
CA HIS A 397 2.94 -19.35 10.36
C HIS A 397 3.79 -20.41 9.61
N PRO A 398 3.41 -21.69 9.68
CA PRO A 398 4.25 -22.74 9.12
C PRO A 398 4.47 -22.68 7.62
N PHE A 399 3.65 -21.91 6.93
CA PHE A 399 3.82 -21.67 5.50
C PHE A 399 5.20 -21.09 5.15
N PHE A 400 5.79 -20.33 6.07
CA PHE A 400 7.07 -19.63 5.84
C PHE A 400 8.28 -20.31 6.49
N LYS A 401 8.08 -21.51 7.03
CA LYS A 401 9.15 -22.22 7.71
C LYS A 401 10.42 -22.30 6.86
N GLU A 402 10.29 -22.63 5.57
CA GLU A 402 11.45 -22.81 4.71
C GLU A 402 12.14 -21.50 4.30
N VAL A 403 11.42 -20.38 4.33
CA VAL A 403 12.00 -19.10 3.87
C VAL A 403 12.30 -18.11 4.98
N ARG A 404 11.79 -18.35 6.18
CA ARG A 404 11.99 -17.40 7.27
C ARG A 404 13.46 -17.18 7.60
N ILE A 405 13.77 -15.92 7.86
CA ILE A 405 15.04 -15.47 8.43
C ILE A 405 14.61 -14.37 9.42
N ALA A 406 14.45 -14.73 10.69
CA ALA A 406 13.87 -13.80 11.69
C ALA A 406 14.68 -12.49 11.88
N GLU A 407 15.96 -12.52 11.51
CA GLU A 407 16.85 -11.36 11.66
C GLU A 407 16.50 -10.17 10.73
N VAL A 408 15.94 -10.44 9.56
CA VAL A 408 15.50 -9.35 8.67
C VAL A 408 14.19 -8.72 9.13
N GLU A 409 13.50 -9.40 10.06
CA GLU A 409 12.23 -8.92 10.65
C GLU A 409 12.50 -7.87 11.75
N THR A 410 13.06 -6.73 11.34
CA THR A 410 13.45 -5.67 12.26
C THR A 410 12.33 -4.64 12.48
N ASN A 411 12.42 -3.91 13.59
CA ASN A 411 11.45 -2.86 13.90
C ASN A 411 12.07 -1.46 13.77
N ALA A 412 11.22 -0.45 13.64
CA ALA A 412 11.67 0.94 13.64
C ALA A 412 12.21 1.27 15.02
N THR A 413 13.18 2.20 15.08
CA THR A 413 13.73 2.66 16.35
C THR A 413 12.77 3.63 17.03
N GLU A 414 11.88 4.22 16.22
CA GLU A 414 10.92 5.22 16.66
C GLU A 414 9.76 5.39 15.68
N LYS A 415 8.71 6.07 16.13
CA LYS A 415 7.54 6.29 15.29
C LYS A 415 7.78 7.47 14.38
N VAL A 416 7.21 7.44 13.16
CA VAL A 416 7.27 8.58 12.26
C VAL A 416 6.33 9.68 12.73
N ARG A 417 6.90 10.87 12.87
CA ARG A 417 6.21 12.08 13.30
C ARG A 417 6.36 13.13 12.21
N LEU A 418 5.26 13.48 11.56
CA LEU A 418 5.35 14.44 10.48
C LEU A 418 5.31 15.85 11.06
N PRO A 419 6.09 16.77 10.47
CA PRO A 419 6.07 18.15 10.96
C PRO A 419 4.82 18.96 10.61
N PHE A 420 3.73 18.28 10.25
CA PHE A 420 2.47 18.95 9.95
C PHE A 420 1.32 18.02 10.29
N ASN A 421 0.13 18.59 10.46
CA ASN A 421 -1.07 17.81 10.70
C ASN A 421 -1.79 17.49 9.40
N ASP A 422 -1.42 16.35 8.84
CA ASP A 422 -1.90 15.89 7.52
C ASP A 422 -3.36 15.44 7.50
N TRP A 423 -4.00 15.34 8.65
CA TRP A 423 -5.41 15.02 8.67
C TRP A 423 -6.23 16.28 8.56
N MET A 424 -5.56 17.43 8.65
CA MET A 424 -6.23 18.72 8.57
C MET A 424 -6.21 19.32 7.17
N ASN A 425 -7.11 20.27 6.99
CA ASN A 425 -7.23 21.01 5.75
C ASN A 425 -6.09 22.03 5.67
N MET A 426 -4.96 21.58 5.14
CA MET A 426 -3.83 22.46 4.87
C MET A 426 -4.10 23.28 3.60
N ASP A 427 -3.90 24.59 3.69
CA ASP A 427 -4.00 25.47 2.51
C ASP A 427 -2.70 25.40 1.70
N GLU A 428 -2.67 26.08 0.56
CA GLU A 428 -1.55 25.95 -0.39
C GLU A 428 -0.23 26.49 0.15
N PRO A 429 -0.26 27.67 0.81
CA PRO A 429 0.95 28.18 1.44
C PRO A 429 1.61 27.20 2.44
N GLN A 430 0.79 26.54 3.26
CA GLN A 430 1.30 25.52 4.19
C GLN A 430 1.90 24.29 3.44
N LEU A 431 1.28 23.94 2.31
CA LEU A 431 1.71 22.79 1.53
C LEU A 431 3.03 23.10 0.84
N ARG A 432 3.14 24.28 0.23
CA ARG A 432 4.39 24.67 -0.46
C ARG A 432 5.60 24.70 0.49
N TYR A 433 5.36 25.26 1.68
CA TYR A 433 6.38 25.39 2.70
C TYR A 433 6.88 24.02 3.13
N ALA A 434 5.92 23.14 3.43
CA ALA A 434 6.21 21.77 3.88
C ALA A 434 6.97 20.99 2.83
N PHE A 435 6.58 21.14 1.56
CA PHE A 435 7.28 20.49 0.45
C PHE A 435 8.73 20.93 0.43
N VAL A 436 8.94 22.24 0.56
CA VAL A 436 10.31 22.77 0.45
C VAL A 436 11.15 22.25 1.60
N LYS A 437 10.53 22.15 2.77
CA LYS A 437 11.17 21.54 3.93
C LYS A 437 11.63 20.11 3.59
N GLU A 438 10.78 19.36 2.92
CA GLU A 438 11.14 18.01 2.50
C GLU A 438 12.33 18.06 1.52
N ILE A 439 12.31 19.04 0.63
CA ILE A 439 13.34 19.18 -0.39
C ILE A 439 14.65 19.58 0.27
N GLN A 440 14.56 20.36 1.34
CA GLN A 440 15.75 20.73 2.14
C GLN A 440 16.54 19.54 2.74
N ARG A 441 15.90 18.38 2.87
CA ARG A 441 16.57 17.18 3.37
C ARG A 441 17.60 16.67 2.38
N TYR A 442 17.45 17.05 1.11
CA TYR A 442 18.40 16.68 0.05
C TYR A 442 19.19 17.86 -0.46
N HIS A 443 18.62 19.05 -0.35
CA HIS A 443 19.28 20.28 -0.81
C HIS A 443 19.01 21.37 0.22
N PRO A 444 19.76 21.32 1.33
CA PRO A 444 19.49 22.17 2.48
C PRO A 444 19.75 23.66 2.25
N GLU A 445 20.47 23.99 1.18
CA GLU A 445 20.71 25.38 0.78
C GLU A 445 19.50 26.05 0.15
N ILE A 446 18.45 25.27 -0.10
CA ILE A 446 17.30 25.77 -0.83
C ILE A 446 16.60 26.81 0.03
N GLN A 447 16.24 27.92 -0.60
CA GLN A 447 15.50 28.98 0.07
C GLN A 447 14.08 28.53 0.35
N LEU A 448 13.54 28.90 1.51
CA LEU A 448 12.12 28.70 1.81
C LEU A 448 11.32 29.82 1.18
N PRO A 449 10.03 29.55 0.87
CA PRO A 449 9.17 30.55 0.26
C PRO A 449 8.68 31.53 1.33
N ARG A 450 8.60 32.80 0.96
CA ARG A 450 8.34 33.89 1.90
C ARG A 450 6.90 34.43 1.78
S SO4 B . -6.79 11.81 4.04
O1 SO4 B . -5.90 12.75 4.73
O2 SO4 B . -7.00 10.69 4.93
O3 SO4 B . -6.26 11.34 2.76
O4 SO4 B . -8.06 12.46 3.66
#